data_3QCS
#
_entry.id   3QCS
#
_cell.length_a   123.848
_cell.length_b   123.848
_cell.length_c   47.034
_cell.angle_alpha   90.00
_cell.angle_beta   90.00
_cell.angle_gamma   120.00
#
_symmetry.space_group_name_H-M   'P 32 2 1'
#
loop_
_entity.id
_entity.type
_entity.pdbx_description
1 polymer '3-phosphoinositide-dependent protein kinase 1'
2 non-polymer GLYCEROL
3 non-polymer 'SULFATE ION'
4 non-polymer 6-[2-amino-6-(morpholin-4-yl)pyrimidin-4-yl]-2H-indazol-3-amine
5 water water
#
_entity_poly.entity_id   1
_entity_poly.type   'polypeptide(L)'
_entity_poly.pdbx_seq_one_letter_code
;GPAMDGTAAEPRPGAGSLQHAQPPPQPRKKRPEDFKFGKILGEGSFSTVVLARELATSREYAIKILEKRHIIKENKVPYV
TRERDVMSRLDHPFFVKLYFTFQDDEKLYFGLSYAKNGELLKYIRKIGSFDETCTRFYTAEIVSALEYLHGKGIIHRDLK
PENILLNEDMHIQITDFGTAKVLSPESKQARAN(SEP)FVGTAQYVSPELLTEKSACKSSDLWALGCIIYQLVAGLPPFR
AGNEYLIFQKIIKLEYDFPEKFFPKARDLVEKLLVLDATKRLGCEEMEGYGPLKAHPFFESVTWENLHQQTPPKLT
;
_entity_poly.pdbx_strand_id   A
#
# COMPACT_ATOMS: atom_id res chain seq x y z
N GLN A 26 0.72 -24.61 -18.01
CA GLN A 26 0.56 -24.32 -16.59
C GLN A 26 0.38 -25.60 -15.77
N PRO A 27 0.86 -25.60 -14.52
CA PRO A 27 0.76 -26.77 -13.64
C PRO A 27 -0.68 -27.13 -13.28
N ARG A 28 -0.87 -28.27 -12.63
CA ARG A 28 -2.19 -28.70 -12.17
C ARG A 28 -2.77 -27.69 -11.19
N LYS A 29 -4.09 -27.66 -11.08
CA LYS A 29 -4.74 -26.80 -10.11
C LYS A 29 -4.37 -27.31 -8.72
N LYS A 30 -3.69 -26.47 -7.94
CA LYS A 30 -3.30 -26.87 -6.59
C LYS A 30 -4.52 -27.03 -5.67
N ARG A 31 -4.32 -27.65 -4.52
CA ARG A 31 -5.41 -27.90 -3.59
C ARG A 31 -4.90 -27.78 -2.14
N PRO A 32 -5.82 -27.65 -1.18
CA PRO A 32 -5.42 -27.42 0.22
C PRO A 32 -4.44 -28.47 0.73
N GLU A 33 -4.61 -29.71 0.28
CA GLU A 33 -3.79 -30.81 0.77
C GLU A 33 -2.36 -30.74 0.23
N ASP A 34 -2.14 -29.86 -0.74
CA ASP A 34 -0.80 -29.61 -1.27
C ASP A 34 0.06 -28.84 -0.28
N PHE A 35 -0.59 -28.29 0.75
CA PHE A 35 0.09 -27.38 1.67
C PHE A 35 0.07 -27.84 3.11
N LYS A 36 1.11 -27.43 3.83
CA LYS A 36 1.12 -27.49 5.28
C LYS A 36 0.91 -26.05 5.76
N PHE A 37 -0.26 -25.79 6.32
CA PHE A 37 -0.59 -24.45 6.81
C PHE A 37 0.01 -24.20 8.20
N GLY A 38 0.25 -22.94 8.50
CA GLY A 38 0.80 -22.55 9.79
C GLY A 38 0.14 -21.30 10.36
N LYS A 39 0.95 -20.38 10.86
CA LYS A 39 0.44 -19.19 11.53
C LYS A 39 -0.39 -18.25 10.64
N ILE A 40 -1.14 -17.39 11.31
CA ILE A 40 -1.97 -16.38 10.67
C ILE A 40 -1.13 -15.11 10.43
N LEU A 41 -1.13 -14.62 9.19
CA LEU A 41 -0.31 -13.47 8.83
C LEU A 41 -1.13 -12.18 8.80
N GLY A 42 -2.44 -12.31 8.59
CA GLY A 42 -3.27 -11.14 8.50
C GLY A 42 -4.75 -11.48 8.57
N GLU A 43 -5.56 -10.51 8.95
CA GLU A 43 -6.99 -10.72 9.09
C GLU A 43 -7.76 -9.51 8.60
N GLY A 44 -8.77 -9.76 7.79
CA GLY A 44 -9.65 -8.69 7.36
C GLY A 44 -11.09 -9.08 7.64
N SER A 45 -12.02 -8.21 7.28
CA SER A 45 -13.44 -8.46 7.50
C SER A 45 -13.91 -9.72 6.80
N PHE A 46 -13.37 -9.96 5.61
CA PHE A 46 -13.82 -11.04 4.75
C PHE A 46 -12.73 -12.03 4.40
N SER A 47 -11.59 -11.95 5.07
CA SER A 47 -10.50 -12.84 4.72
C SER A 47 -9.51 -13.04 5.85
N THR A 48 -8.74 -14.10 5.72
CA THR A 48 -7.67 -14.42 6.64
C THR A 48 -6.48 -14.83 5.81
N VAL A 49 -5.30 -14.32 6.16
CA VAL A 49 -4.09 -14.72 5.46
C VAL A 49 -3.29 -15.70 6.32
N VAL A 50 -2.95 -16.84 5.75
CA VAL A 50 -2.26 -17.91 6.47
C VAL A 50 -0.97 -18.29 5.78
N LEU A 51 0.10 -18.42 6.56
CA LEU A 51 1.38 -18.88 6.05
C LEU A 51 1.27 -20.37 5.73
N ALA A 52 1.74 -20.76 4.55
CA ALA A 52 1.67 -22.14 4.15
C ALA A 52 2.92 -22.53 3.38
N ARG A 53 3.40 -23.74 3.64
CA ARG A 53 4.50 -24.29 2.88
C ARG A 53 3.99 -25.35 1.92
N GLU A 54 4.19 -25.12 0.63
CA GLU A 54 3.89 -26.14 -0.37
C GLU A 54 4.86 -27.30 -0.20
N LEU A 55 4.32 -28.53 -0.16
CA LEU A 55 5.13 -29.71 0.19
C LEU A 55 6.13 -30.15 -0.88
N ALA A 56 5.71 -30.13 -2.14
CA ALA A 56 6.57 -30.56 -3.23
C ALA A 56 7.78 -29.66 -3.45
N THR A 57 7.71 -28.42 -2.98
CA THR A 57 8.72 -27.43 -3.31
C THR A 57 9.37 -26.85 -2.06
N SER A 58 8.70 -27.03 -0.93
CA SER A 58 9.02 -26.33 0.32
C SER A 58 8.99 -24.79 0.21
N ARG A 59 8.28 -24.27 -0.79
CA ARG A 59 8.11 -22.83 -0.91
C ARG A 59 7.09 -22.30 0.10
N GLU A 60 7.36 -21.12 0.64
CA GLU A 60 6.41 -20.46 1.51
C GLU A 60 5.54 -19.49 0.73
N TYR A 61 4.23 -19.60 0.92
CA TYR A 61 3.29 -18.65 0.35
C TYR A 61 2.42 -18.07 1.45
N ALA A 62 1.95 -16.85 1.22
CA ALA A 62 0.93 -16.26 2.06
C ALA A 62 -0.40 -16.55 1.38
N ILE A 63 -1.14 -17.53 1.89
CA ILE A 63 -2.40 -17.88 1.27
C ILE A 63 -3.57 -17.09 1.86
N LYS A 64 -4.21 -16.28 1.02
CA LYS A 64 -5.39 -15.53 1.43
C LYS A 64 -6.64 -16.40 1.29
N ILE A 65 -7.32 -16.65 2.40
CA ILE A 65 -8.47 -17.54 2.41
C ILE A 65 -9.76 -16.76 2.57
N LEU A 66 -10.68 -16.93 1.63
CA LEU A 66 -11.96 -16.22 1.67
C LEU A 66 -13.11 -17.21 1.69
N GLU A 67 -14.05 -16.98 2.59
CA GLU A 67 -15.23 -17.83 2.67
C GLU A 67 -16.26 -17.32 1.67
N LYS A 68 -16.59 -18.15 0.70
CA LYS A 68 -17.53 -17.79 -0.35
C LYS A 68 -18.87 -17.27 0.19
N ARG A 69 -19.50 -18.05 1.07
CA ARG A 69 -20.82 -17.68 1.59
C ARG A 69 -20.84 -16.25 2.14
N HIS A 70 -19.85 -15.93 2.96
CA HIS A 70 -19.77 -14.60 3.55
C HIS A 70 -19.60 -13.49 2.50
N ILE A 71 -18.81 -13.76 1.48
CA ILE A 71 -18.57 -12.79 0.41
C ILE A 71 -19.84 -12.49 -0.37
N ILE A 72 -20.60 -13.54 -0.66
CA ILE A 72 -21.87 -13.42 -1.37
C ILE A 72 -22.91 -12.71 -0.51
N LYS A 73 -22.98 -13.14 0.74
CA LYS A 73 -23.91 -12.56 1.70
C LYS A 73 -23.68 -11.06 1.82
N GLU A 74 -22.43 -10.62 1.67
CA GLU A 74 -22.12 -9.21 1.89
C GLU A 74 -21.89 -8.40 0.62
N ASN A 75 -22.08 -9.02 -0.53
CA ASN A 75 -21.95 -8.34 -1.81
C ASN A 75 -20.53 -7.92 -2.14
N LYS A 76 -19.56 -8.75 -1.78
CA LYS A 76 -18.16 -8.41 -1.99
C LYS A 76 -17.54 -9.03 -3.23
N VAL A 77 -18.33 -9.82 -3.96
CA VAL A 77 -17.82 -10.52 -5.14
C VAL A 77 -17.04 -9.61 -6.10
N PRO A 78 -17.54 -8.38 -6.35
CA PRO A 78 -16.78 -7.46 -7.19
C PRO A 78 -15.40 -7.12 -6.63
N TYR A 79 -15.29 -7.00 -5.31
CA TYR A 79 -14.01 -6.64 -4.68
C TYR A 79 -13.00 -7.77 -4.78
N VAL A 80 -13.44 -8.98 -4.43
CA VAL A 80 -12.63 -10.17 -4.61
C VAL A 80 -12.19 -10.33 -6.06
N THR A 81 -13.13 -10.18 -6.98
CA THR A 81 -12.82 -10.23 -8.40
C THR A 81 -11.78 -9.19 -8.79
N ARG A 82 -11.97 -7.94 -8.39
CA ARG A 82 -11.06 -6.88 -8.80
C ARG A 82 -9.65 -7.16 -8.29
N GLU A 83 -9.54 -7.63 -7.05
CA GLU A 83 -8.23 -8.00 -6.51
C GLU A 83 -7.54 -9.08 -7.34
N ARG A 84 -8.24 -10.17 -7.61
CA ARG A 84 -7.67 -11.26 -8.39
C ARG A 84 -7.17 -10.74 -9.75
N ASP A 85 -8.02 -9.97 -10.41
CA ASP A 85 -7.70 -9.45 -11.73
C ASP A 85 -6.54 -8.45 -11.73
N VAL A 86 -6.41 -7.70 -10.64
CA VAL A 86 -5.36 -6.69 -10.55
C VAL A 86 -4.02 -7.31 -10.17
N MET A 87 -4.02 -8.16 -9.16
CA MET A 87 -2.79 -8.76 -8.66
C MET A 87 -2.20 -9.79 -9.63
N SER A 88 -2.97 -10.15 -10.63
CA SER A 88 -2.47 -10.98 -11.72
C SER A 88 -1.79 -10.12 -12.76
N ARG A 89 -2.35 -8.94 -13.03
CA ARG A 89 -1.83 -8.00 -14.00
C ARG A 89 -0.55 -7.28 -13.55
N LEU A 90 -0.22 -7.35 -12.26
CA LEU A 90 0.96 -6.65 -11.76
C LEU A 90 2.19 -7.53 -11.86
N ASP A 91 3.27 -6.96 -12.37
CA ASP A 91 4.53 -7.69 -12.52
C ASP A 91 5.71 -6.78 -12.21
N HIS A 92 6.00 -6.61 -10.92
CA HIS A 92 6.95 -5.62 -10.46
C HIS A 92 7.38 -6.01 -9.05
N PRO A 93 8.66 -5.81 -8.72
CA PRO A 93 9.17 -6.29 -7.43
C PRO A 93 8.55 -5.63 -6.19
N PHE A 94 7.93 -4.47 -6.34
CA PHE A 94 7.41 -3.77 -5.17
C PHE A 94 5.95 -4.13 -4.88
N PHE A 95 5.46 -5.15 -5.57
CA PHE A 95 4.09 -5.60 -5.39
C PHE A 95 4.03 -7.10 -5.07
N VAL A 96 3.25 -7.42 -4.06
CA VAL A 96 3.02 -8.79 -3.69
C VAL A 96 2.34 -9.44 -4.88
N LYS A 97 2.69 -10.68 -5.15
CA LYS A 97 2.24 -11.35 -6.36
C LYS A 97 1.17 -12.41 -6.08
N LEU A 98 0.21 -12.54 -6.98
CA LEU A 98 -0.74 -13.63 -6.93
C LEU A 98 -0.24 -14.76 -7.83
N TYR A 99 0.24 -15.84 -7.23
CA TYR A 99 0.83 -16.92 -8.00
C TYR A 99 -0.21 -17.92 -8.51
N PHE A 100 -1.28 -18.09 -7.77
CA PHE A 100 -2.27 -19.10 -8.10
C PHE A 100 -3.53 -18.92 -7.28
N THR A 101 -4.59 -19.60 -7.70
CA THR A 101 -5.84 -19.61 -6.97
C THR A 101 -6.43 -21.01 -7.04
N PHE A 102 -7.25 -21.35 -6.06
CA PHE A 102 -8.07 -22.55 -6.14
C PHE A 102 -9.21 -22.43 -5.14
N GLN A 103 -10.11 -23.39 -5.13
CA GLN A 103 -11.21 -23.35 -4.18
C GLN A 103 -11.64 -24.74 -3.80
N ASP A 104 -12.24 -24.86 -2.63
CA ASP A 104 -12.97 -26.07 -2.28
C ASP A 104 -14.44 -25.69 -2.12
N ASP A 105 -15.23 -26.55 -1.50
CA ASP A 105 -16.67 -26.32 -1.43
C ASP A 105 -17.01 -24.96 -0.83
N GLU A 106 -16.25 -24.54 0.17
CA GLU A 106 -16.66 -23.40 0.97
C GLU A 106 -15.74 -22.18 0.84
N LYS A 107 -14.55 -22.36 0.30
CA LYS A 107 -13.52 -21.32 0.36
C LYS A 107 -12.75 -21.07 -0.93
N LEU A 108 -12.35 -19.82 -1.12
CA LEU A 108 -11.38 -19.43 -2.15
C LEU A 108 -10.00 -19.28 -1.52
N TYR A 109 -8.98 -19.63 -2.29
CA TYR A 109 -7.59 -19.52 -1.85
C TYR A 109 -6.79 -18.72 -2.87
N PHE A 110 -6.15 -17.64 -2.43
CA PHE A 110 -5.19 -16.93 -3.26
C PHE A 110 -3.77 -17.16 -2.73
N GLY A 111 -2.89 -17.67 -3.57
CA GLY A 111 -1.50 -17.83 -3.18
C GLY A 111 -0.69 -16.57 -3.44
N LEU A 112 -0.33 -15.87 -2.38
CA LEU A 112 0.33 -14.58 -2.49
C LEU A 112 1.81 -14.65 -2.13
N SER A 113 2.57 -13.64 -2.58
CA SER A 113 3.95 -13.49 -2.15
C SER A 113 3.97 -13.43 -0.63
N TYR A 114 4.92 -14.11 -0.03
CA TYR A 114 5.11 -14.04 1.41
C TYR A 114 6.16 -13.01 1.78
N ALA A 115 5.71 -11.88 2.33
CA ALA A 115 6.62 -10.85 2.83
C ALA A 115 6.99 -11.14 4.27
N LYS A 116 8.12 -11.83 4.46
CA LYS A 116 8.54 -12.35 5.76
C LYS A 116 8.59 -11.31 6.89
N ASN A 117 9.02 -10.09 6.57
CA ASN A 117 9.18 -9.07 7.62
C ASN A 117 7.93 -8.25 7.97
N GLY A 118 6.81 -8.56 7.33
CA GLY A 118 5.53 -7.98 7.70
C GLY A 118 5.31 -6.51 7.37
N GLU A 119 4.51 -5.85 8.20
CA GLU A 119 4.05 -4.51 7.89
C GLU A 119 5.07 -3.42 8.20
N LEU A 120 5.15 -2.45 7.31
CA LEU A 120 5.93 -1.25 7.54
C LEU A 120 5.51 -0.57 8.84
N LEU A 121 4.21 -0.64 9.15
CA LEU A 121 3.70 -0.08 10.40
C LEU A 121 4.46 -0.65 11.60
N LYS A 122 4.70 -1.95 11.59
CA LYS A 122 5.45 -2.59 12.67
C LYS A 122 6.76 -1.86 12.91
N TYR A 123 7.47 -1.53 11.84
CA TYR A 123 8.78 -0.87 11.97
C TYR A 123 8.69 0.58 12.42
N ILE A 124 7.66 1.29 11.96
CA ILE A 124 7.46 2.66 12.42
C ILE A 124 7.27 2.66 13.93
N ARG A 125 6.54 1.68 14.44
CA ARG A 125 6.33 1.52 15.88
C ARG A 125 7.60 1.10 16.63
N LYS A 126 8.25 0.07 16.11
CA LYS A 126 9.47 -0.46 16.69
C LYS A 126 10.53 0.63 16.90
N ILE A 127 10.90 1.31 15.82
CA ILE A 127 12.00 2.27 15.88
C ILE A 127 11.50 3.70 16.18
N GLY A 128 10.19 3.86 16.21
CA GLY A 128 9.59 5.16 16.51
C GLY A 128 9.38 6.02 15.28
N SER A 129 10.47 6.47 14.68
CA SER A 129 10.41 7.22 13.43
C SER A 129 11.71 7.07 12.66
N PHE A 130 11.65 7.22 11.34
CA PHE A 130 12.82 7.00 10.49
C PHE A 130 13.74 8.23 10.43
N ASP A 131 15.03 7.99 10.25
CA ASP A 131 15.98 9.06 9.95
C ASP A 131 15.84 9.39 8.48
N GLU A 132 16.56 10.42 8.04
CA GLU A 132 16.42 10.91 6.66
C GLU A 132 16.73 9.85 5.62
N THR A 133 17.84 9.15 5.79
CA THR A 133 18.27 8.15 4.81
C THR A 133 17.23 7.04 4.61
N CYS A 134 16.73 6.45 5.67
CA CYS A 134 15.68 5.44 5.55
C CYS A 134 14.37 6.01 5.00
N THR A 135 13.95 7.18 5.49
CA THR A 135 12.81 7.88 4.95
C THR A 135 12.95 8.06 3.43
N ARG A 136 14.09 8.60 3.01
CA ARG A 136 14.38 8.81 1.60
C ARG A 136 14.28 7.51 0.78
N PHE A 137 14.98 6.46 1.22
CA PHE A 137 14.94 5.20 0.49
C PHE A 137 13.53 4.64 0.37
N TYR A 138 12.82 4.56 1.48
CA TYR A 138 11.52 3.90 1.47
C TYR A 138 10.45 4.73 0.81
N THR A 139 10.62 6.04 0.84
CA THR A 139 9.72 6.92 0.11
C THR A 139 9.92 6.77 -1.40
N ALA A 140 11.18 6.69 -1.83
CA ALA A 140 11.47 6.48 -3.24
C ALA A 140 10.93 5.14 -3.73
N GLU A 141 10.97 4.11 -2.89
CA GLU A 141 10.44 2.83 -3.32
C GLU A 141 8.92 2.92 -3.51
N ILE A 142 8.26 3.62 -2.61
CA ILE A 142 6.82 3.80 -2.69
C ILE A 142 6.43 4.64 -3.91
N VAL A 143 7.19 5.71 -4.17
CA VAL A 143 6.96 6.54 -5.35
C VAL A 143 7.08 5.69 -6.60
N SER A 144 8.18 4.95 -6.68
CA SER A 144 8.48 4.09 -7.82
C SER A 144 7.38 3.02 -8.05
N ALA A 145 6.89 2.43 -6.97
CA ALA A 145 5.76 1.49 -7.05
C ALA A 145 4.51 2.18 -7.60
N LEU A 146 4.19 3.34 -7.05
CA LEU A 146 3.04 4.12 -7.51
C LEU A 146 3.14 4.48 -8.98
N GLU A 147 4.31 4.93 -9.41
CA GLU A 147 4.50 5.23 -10.82
C GLU A 147 4.15 4.03 -11.69
N TYR A 148 4.63 2.87 -11.30
CA TYR A 148 4.27 1.65 -12.02
C TYR A 148 2.77 1.37 -11.98
N LEU A 149 2.18 1.48 -10.78
CA LEU A 149 0.77 1.20 -10.62
C LEU A 149 -0.05 2.13 -11.51
N HIS A 150 0.24 3.42 -11.42
CA HIS A 150 -0.51 4.44 -12.14
C HIS A 150 -0.30 4.34 -13.65
N GLY A 151 0.89 3.95 -14.07
CA GLY A 151 1.15 3.67 -15.47
C GLY A 151 0.25 2.61 -16.08
N LYS A 152 -0.29 1.72 -15.26
CA LYS A 152 -1.21 0.70 -15.74
C LYS A 152 -2.67 1.12 -15.56
N GLY A 153 -2.88 2.39 -15.24
CA GLY A 153 -4.21 2.91 -15.05
C GLY A 153 -4.91 2.31 -13.84
N ILE A 154 -4.14 2.01 -12.81
CA ILE A 154 -4.69 1.43 -11.60
C ILE A 154 -4.47 2.34 -10.38
N ILE A 155 -5.50 2.46 -9.55
CA ILE A 155 -5.45 3.26 -8.33
C ILE A 155 -5.70 2.35 -7.13
N HIS A 156 -4.81 2.44 -6.13
CA HIS A 156 -4.90 1.57 -4.96
C HIS A 156 -6.09 1.94 -4.07
N ARG A 157 -6.22 3.24 -3.80
CA ARG A 157 -7.33 3.78 -3.02
C ARG A 157 -7.30 3.51 -1.53
N ASP A 158 -6.37 2.68 -1.08
CA ASP A 158 -6.26 2.43 0.34
C ASP A 158 -4.82 2.20 0.75
N LEU A 159 -3.91 3.00 0.22
CA LEU A 159 -2.49 2.88 0.54
C LEU A 159 -2.23 3.27 1.99
N LYS A 160 -1.52 2.42 2.73
CA LYS A 160 -1.19 2.69 4.13
C LYS A 160 -0.08 1.76 4.62
N PRO A 161 0.56 2.11 5.75
CA PRO A 161 1.70 1.32 6.26
C PRO A 161 1.35 -0.14 6.52
N GLU A 162 0.07 -0.43 6.74
CA GLU A 162 -0.39 -1.80 6.96
C GLU A 162 -0.35 -2.59 5.66
N ASN A 163 -0.51 -1.86 4.56
CA ASN A 163 -0.56 -2.39 3.20
C ASN A 163 0.81 -2.55 2.59
N ILE A 164 1.77 -1.84 3.17
CA ILE A 164 3.13 -1.79 2.63
C ILE A 164 3.97 -2.77 3.41
N LEU A 165 4.17 -3.94 2.82
CA LEU A 165 4.86 -5.01 3.51
C LEU A 165 6.36 -4.96 3.24
N LEU A 166 7.11 -5.67 4.06
CA LEU A 166 8.55 -5.71 3.89
C LEU A 166 9.03 -7.13 3.63
N ASN A 167 9.70 -7.30 2.51
CA ASN A 167 10.25 -8.59 2.15
C ASN A 167 11.41 -8.96 3.07
N GLU A 168 11.84 -10.21 2.98
CA GLU A 168 12.96 -10.71 3.76
C GLU A 168 14.22 -9.86 3.55
N ASP A 169 14.35 -9.30 2.34
CA ASP A 169 15.50 -8.46 1.98
C ASP A 169 15.25 -7.01 2.37
N MET A 170 14.07 -6.76 2.93
CA MET A 170 13.69 -5.44 3.43
C MET A 170 13.32 -4.42 2.36
N HIS A 171 12.98 -4.89 1.17
CA HIS A 171 12.31 -4.07 0.16
C HIS A 171 10.80 -4.18 0.35
N ILE A 172 10.07 -3.16 -0.10
CA ILE A 172 8.62 -3.15 0.08
C ILE A 172 7.91 -4.07 -0.91
N GLN A 173 6.78 -4.60 -0.47
CA GLN A 173 5.83 -5.23 -1.36
C GLN A 173 4.45 -4.78 -0.92
N ILE A 174 3.82 -4.00 -1.77
CA ILE A 174 2.50 -3.46 -1.50
C ILE A 174 1.44 -4.52 -1.77
N THR A 175 0.49 -4.66 -0.87
CA THR A 175 -0.55 -5.67 -1.05
C THR A 175 -1.96 -5.09 -0.90
N ASP A 176 -2.96 -5.97 -0.88
CA ASP A 176 -4.35 -5.62 -0.56
C ASP A 176 -5.04 -4.74 -1.61
N PHE A 177 -5.59 -5.39 -2.64
CA PHE A 177 -6.01 -4.69 -3.85
C PHE A 177 -7.49 -4.77 -4.21
N GLY A 178 -8.30 -5.38 -3.35
CA GLY A 178 -9.73 -5.51 -3.61
C GLY A 178 -10.45 -4.18 -3.78
N THR A 179 -9.95 -3.13 -3.13
CA THR A 179 -10.56 -1.81 -3.21
C THR A 179 -9.93 -0.90 -4.24
N ALA A 180 -9.07 -1.45 -5.08
CA ALA A 180 -8.42 -0.69 -6.14
C ALA A 180 -9.46 -0.35 -7.21
N LYS A 181 -9.15 0.64 -8.04
CA LYS A 181 -9.99 0.94 -9.19
C LYS A 181 -9.16 0.84 -10.46
N VAL A 182 -9.75 0.30 -11.52
CA VAL A 182 -9.09 0.25 -12.82
C VAL A 182 -9.69 1.31 -13.71
N LEU A 183 -8.94 2.37 -13.98
CA LEU A 183 -9.45 3.49 -14.75
C LEU A 183 -9.87 3.07 -16.15
N SER A 184 -11.08 3.47 -16.54
CA SER A 184 -11.65 3.13 -17.84
C SER A 184 -10.62 3.19 -18.97
N PHE A 195 -16.66 3.83 -2.06
CA PHE A 195 -16.00 3.24 -0.89
C PHE A 195 -14.99 4.21 -0.27
N VAL A 196 -14.79 4.10 1.04
CA VAL A 196 -13.84 4.96 1.75
C VAL A 196 -12.83 4.14 2.55
N GLY A 197 -11.55 4.32 2.24
CA GLY A 197 -10.48 3.58 2.91
C GLY A 197 -10.22 4.04 4.34
N THR A 198 -9.08 3.65 4.88
CA THR A 198 -8.71 4.01 6.26
C THR A 198 -8.77 5.52 6.48
N ALA A 199 -9.42 5.91 7.57
CA ALA A 199 -9.81 7.30 7.80
C ALA A 199 -8.64 8.29 7.73
N GLN A 200 -7.56 7.97 8.41
CA GLN A 200 -6.38 8.84 8.50
C GLN A 200 -5.71 9.13 7.16
N TYR A 201 -5.89 8.26 6.17
CA TYR A 201 -5.23 8.43 4.86
C TYR A 201 -6.20 8.87 3.77
N VAL A 202 -7.47 9.02 4.14
CA VAL A 202 -8.52 9.42 3.21
C VAL A 202 -8.29 10.84 2.68
N SER A 203 -8.35 10.99 1.37
CA SER A 203 -8.16 12.30 0.72
C SER A 203 -9.45 13.12 0.79
N PRO A 204 -9.30 14.46 0.77
CA PRO A 204 -10.44 15.39 0.91
C PRO A 204 -11.52 15.17 -0.15
N GLU A 205 -11.12 14.93 -1.39
CA GLU A 205 -12.07 14.73 -2.49
C GLU A 205 -13.03 13.56 -2.24
N LEU A 206 -12.56 12.53 -1.52
CA LEU A 206 -13.42 11.42 -1.14
C LEU A 206 -14.49 11.86 -0.14
N LEU A 207 -14.15 12.82 0.70
CA LEU A 207 -15.09 13.33 1.69
C LEU A 207 -15.98 14.42 1.12
N THR A 208 -15.74 14.82 -0.13
CA THR A 208 -16.50 15.91 -0.72
C THR A 208 -17.22 15.54 -2.02
N GLU A 209 -16.91 14.38 -2.60
CA GLU A 209 -17.50 14.01 -3.89
C GLU A 209 -17.69 12.52 -4.12
N LYS A 210 -17.13 11.68 -3.24
CA LYS A 210 -17.13 10.24 -3.48
C LYS A 210 -16.34 9.92 -4.75
N SER A 211 -15.39 10.79 -5.08
CA SER A 211 -14.63 10.69 -6.33
C SER A 211 -13.12 10.52 -6.07
N ALA A 212 -12.54 9.49 -6.65
CA ALA A 212 -11.12 9.20 -6.46
C ALA A 212 -10.30 9.23 -7.76
N CYS A 213 -8.98 9.24 -7.62
CA CYS A 213 -8.07 9.24 -8.76
C CYS A 213 -6.63 9.03 -8.27
N LYS A 214 -5.66 9.13 -9.17
CA LYS A 214 -4.27 8.89 -8.79
C LYS A 214 -3.85 9.82 -7.66
N SER A 215 -4.36 11.05 -7.70
CA SER A 215 -4.06 12.02 -6.65
C SER A 215 -4.40 11.49 -5.25
N SER A 216 -5.43 10.66 -5.16
CA SER A 216 -5.81 10.03 -3.89
C SER A 216 -4.66 9.21 -3.32
N ASP A 217 -4.01 8.43 -4.18
CA ASP A 217 -2.82 7.71 -3.76
C ASP A 217 -1.73 8.69 -3.34
N LEU A 218 -1.60 9.81 -4.06
CA LEU A 218 -0.54 10.79 -3.77
C LEU A 218 -0.74 11.49 -2.44
N TRP A 219 -2.00 11.78 -2.13
CA TRP A 219 -2.36 12.28 -0.81
C TRP A 219 -1.91 11.28 0.26
N ALA A 220 -2.30 10.02 0.10
CA ALA A 220 -1.89 8.97 1.03
C ALA A 220 -0.38 8.93 1.17
N LEU A 221 0.32 9.06 0.05
CA LEU A 221 1.79 9.15 0.05
C LEU A 221 2.27 10.26 0.99
N GLY A 222 1.68 11.45 0.86
CA GLY A 222 1.98 12.55 1.75
C GLY A 222 1.81 12.20 3.22
N CYS A 223 0.70 11.55 3.57
CA CYS A 223 0.47 11.11 4.95
C CYS A 223 1.55 10.13 5.40
N ILE A 224 1.80 9.10 4.58
CA ILE A 224 2.79 8.08 4.90
C ILE A 224 4.20 8.66 5.10
N ILE A 225 4.59 9.62 4.28
CA ILE A 225 5.89 10.27 4.45
C ILE A 225 5.94 11.01 5.78
N TYR A 226 4.92 11.82 6.01
CA TYR A 226 4.79 12.52 7.29
C TYR A 226 4.93 11.54 8.45
N GLN A 227 4.36 10.35 8.30
CA GLN A 227 4.34 9.36 9.36
C GLN A 227 5.70 8.68 9.56
N LEU A 228 6.50 8.60 8.51
CA LEU A 228 7.82 8.01 8.63
C LEU A 228 8.72 8.96 9.40
N VAL A 229 8.52 10.26 9.18
CA VAL A 229 9.39 11.27 9.75
C VAL A 229 8.97 11.62 11.18
N ALA A 230 7.67 11.79 11.39
CA ALA A 230 7.15 12.24 12.68
C ALA A 230 6.76 11.08 13.59
N GLY A 231 6.57 9.89 13.02
CA GLY A 231 6.23 8.72 13.80
C GLY A 231 4.74 8.51 13.94
N LEU A 232 3.97 9.53 13.58
CA LEU A 232 2.51 9.50 13.63
C LEU A 232 1.92 10.06 12.34
N PRO A 233 0.67 9.67 12.02
CA PRO A 233 -0.06 10.19 10.86
C PRO A 233 -0.54 11.63 11.12
N PRO A 234 -0.60 12.46 10.07
CA PRO A 234 -0.80 13.91 10.24
C PRO A 234 -2.18 14.28 10.79
N PHE A 235 -3.19 13.48 10.50
CA PHE A 235 -4.54 13.77 10.99
C PHE A 235 -4.96 12.76 12.05
N ARG A 236 -4.92 13.20 13.31
CA ARG A 236 -5.31 12.37 14.43
C ARG A 236 -6.42 13.06 15.22
N ALA A 237 -7.38 12.27 15.70
CA ALA A 237 -8.45 12.80 16.54
C ALA A 237 -9.16 11.67 17.27
N GLY A 238 -10.08 12.03 18.15
CA GLY A 238 -10.75 11.05 18.98
C GLY A 238 -11.55 10.02 18.20
N ASN A 239 -12.05 10.42 17.04
CA ASN A 239 -12.87 9.51 16.24
C ASN A 239 -12.86 9.89 14.77
N GLU A 240 -13.48 9.05 13.95
CA GLU A 240 -13.45 9.25 12.51
C GLU A 240 -14.03 10.58 12.03
N TYR A 241 -15.12 11.03 12.66
CA TYR A 241 -15.71 12.31 12.27
C TYR A 241 -14.69 13.43 12.42
N LEU A 242 -14.08 13.51 13.59
CA LEU A 242 -13.10 14.57 13.87
C LEU A 242 -11.92 14.50 12.90
N ILE A 243 -11.46 13.29 12.60
CA ILE A 243 -10.40 13.09 11.64
C ILE A 243 -10.80 13.69 10.30
N PHE A 244 -11.99 13.32 9.83
CA PHE A 244 -12.53 13.85 8.60
C PHE A 244 -12.64 15.37 8.64
N GLN A 245 -12.96 15.91 9.81
CA GLN A 245 -13.04 17.35 9.98
C GLN A 245 -11.70 18.00 9.71
N LYS A 246 -10.64 17.41 10.26
CA LYS A 246 -9.31 17.98 10.11
C LYS A 246 -8.85 17.88 8.66
N ILE A 247 -9.12 16.74 8.03
CA ILE A 247 -8.74 16.53 6.65
C ILE A 247 -9.24 17.62 5.71
N ILE A 248 -10.55 17.86 5.70
CA ILE A 248 -11.11 18.87 4.80
C ILE A 248 -10.63 20.28 5.16
N LYS A 249 -10.24 20.46 6.41
CA LYS A 249 -9.72 21.75 6.85
C LYS A 249 -8.22 21.86 6.60
N LEU A 250 -7.61 20.75 6.21
CA LEU A 250 -6.15 20.65 6.13
C LEU A 250 -5.55 21.04 7.46
N GLU A 251 -6.14 20.50 8.53
CA GLU A 251 -5.75 20.86 9.88
C GLU A 251 -4.72 19.89 10.44
N TYR A 252 -3.45 20.17 10.20
CA TYR A 252 -2.35 19.39 10.75
C TYR A 252 -1.14 20.30 10.75
N ASP A 253 -0.05 19.84 11.35
CA ASP A 253 1.17 20.64 11.32
C ASP A 253 2.43 19.82 11.58
N PHE A 254 3.58 20.43 11.30
CA PHE A 254 4.84 19.72 11.34
C PHE A 254 5.55 19.89 12.67
N PRO A 255 6.05 18.77 13.23
CA PRO A 255 6.98 18.83 14.36
C PRO A 255 8.18 19.69 13.99
N GLU A 256 8.81 20.29 14.98
CA GLU A 256 9.97 21.15 14.74
C GLU A 256 11.15 20.36 14.18
N LYS A 257 11.25 19.08 14.56
CA LYS A 257 12.30 18.21 14.05
C LYS A 257 11.79 17.40 12.87
N PHE A 258 11.59 18.07 11.75
CA PHE A 258 11.08 17.44 10.53
C PHE A 258 11.95 17.88 9.36
N PHE A 259 12.69 16.94 8.78
CA PHE A 259 13.58 17.27 7.68
C PHE A 259 12.90 18.27 6.75
N PRO A 260 13.49 19.46 6.59
CA PRO A 260 12.92 20.54 5.78
C PRO A 260 12.49 20.12 4.38
N LYS A 261 13.34 19.40 3.66
CA LYS A 261 13.00 18.96 2.31
C LYS A 261 11.88 17.93 2.30
N ALA A 262 11.80 17.12 3.35
CA ALA A 262 10.67 16.18 3.51
C ALA A 262 9.40 16.97 3.76
N ARG A 263 9.55 18.06 4.51
CA ARG A 263 8.39 18.87 4.84
C ARG A 263 7.89 19.57 3.60
N ASP A 264 8.81 20.06 2.79
CA ASP A 264 8.45 20.76 1.59
C ASP A 264 7.71 19.84 0.62
N LEU A 265 8.22 18.62 0.48
CA LEU A 265 7.57 17.59 -0.31
C LEU A 265 6.16 17.26 0.21
N VAL A 266 6.05 17.05 1.51
CA VAL A 266 4.76 16.73 2.12
C VAL A 266 3.75 17.84 1.82
N GLU A 267 4.17 19.09 1.96
CA GLU A 267 3.31 20.22 1.66
C GLU A 267 2.87 20.27 0.20
N LYS A 268 3.68 19.73 -0.70
CA LYS A 268 3.29 19.67 -2.10
C LYS A 268 2.43 18.45 -2.44
N LEU A 269 2.22 17.59 -1.44
CA LEU A 269 1.36 16.43 -1.59
C LEU A 269 0.02 16.58 -0.87
N LEU A 270 0.06 17.07 0.36
CA LEU A 270 -1.17 17.29 1.12
C LEU A 270 -1.76 18.62 0.71
N VAL A 271 -2.38 18.63 -0.46
CA VAL A 271 -2.97 19.82 -1.04
C VAL A 271 -4.44 19.52 -1.27
N LEU A 272 -5.31 20.38 -0.76
CA LEU A 272 -6.75 20.17 -0.88
C LEU A 272 -7.19 19.94 -2.33
N ASP A 273 -6.74 20.81 -3.22
CA ASP A 273 -7.03 20.68 -4.65
C ASP A 273 -6.23 19.52 -5.24
N ALA A 274 -6.94 18.44 -5.60
CA ALA A 274 -6.30 17.23 -6.08
C ALA A 274 -5.45 17.43 -7.34
N THR A 275 -5.77 18.46 -8.11
CA THR A 275 -5.10 18.71 -9.38
C THR A 275 -3.75 19.40 -9.22
N LYS A 276 -3.45 19.84 -7.99
CA LYS A 276 -2.22 20.58 -7.74
C LYS A 276 -1.24 19.76 -6.89
N ARG A 277 -1.44 18.44 -6.87
CA ARG A 277 -0.56 17.55 -6.13
C ARG A 277 0.60 17.06 -6.96
N LEU A 278 1.81 17.33 -6.48
CA LEU A 278 3.03 16.87 -7.13
C LEU A 278 2.87 15.40 -7.54
N GLY A 279 3.10 15.12 -8.81
CA GLY A 279 3.04 13.75 -9.30
C GLY A 279 1.80 13.43 -10.11
N CYS A 280 0.76 14.24 -9.96
CA CYS A 280 -0.46 14.00 -10.70
C CYS A 280 -0.36 14.61 -12.10
N GLU A 281 -1.25 14.17 -13.00
CA GLU A 281 -1.14 14.50 -14.42
C GLU A 281 -1.22 15.99 -14.71
N GLU A 282 -1.99 16.72 -13.91
CA GLU A 282 -2.10 18.16 -14.10
C GLU A 282 -0.82 18.86 -13.69
N MET A 283 0.02 18.17 -12.91
CA MET A 283 1.33 18.67 -12.54
C MET A 283 2.41 18.02 -13.41
N GLU A 284 1.96 17.27 -14.43
CA GLU A 284 2.84 16.62 -15.40
C GLU A 284 3.54 15.36 -14.90
N GLY A 285 2.99 14.73 -13.86
CA GLY A 285 3.37 13.38 -13.51
C GLY A 285 4.58 13.17 -12.61
N TYR A 286 5.21 12.02 -12.79
CA TYR A 286 6.25 11.58 -11.87
C TYR A 286 7.61 12.21 -12.10
N GLY A 287 7.78 12.89 -13.24
CA GLY A 287 9.02 13.57 -13.52
C GLY A 287 9.38 14.59 -12.45
N PRO A 288 8.51 15.59 -12.26
CA PRO A 288 8.74 16.62 -11.25
C PRO A 288 8.74 16.06 -9.83
N LEU A 289 7.99 14.98 -9.58
CA LEU A 289 7.95 14.37 -8.26
C LEU A 289 9.29 13.73 -7.89
N LYS A 290 9.81 12.92 -8.81
CA LYS A 290 11.11 12.29 -8.61
C LYS A 290 12.25 13.30 -8.62
N ALA A 291 12.00 14.48 -9.18
CA ALA A 291 13.04 15.50 -9.24
C ALA A 291 13.04 16.42 -8.02
N HIS A 292 12.19 16.13 -7.06
CA HIS A 292 12.13 16.94 -5.85
C HIS A 292 13.45 16.85 -5.08
N PRO A 293 13.96 17.98 -4.58
CA PRO A 293 15.23 18.03 -3.86
C PRO A 293 15.38 16.98 -2.77
N PHE A 294 14.28 16.61 -2.11
CA PHE A 294 14.33 15.57 -1.10
C PHE A 294 14.86 14.23 -1.64
N PHE A 295 14.76 14.02 -2.94
CA PHE A 295 15.20 12.75 -3.54
C PHE A 295 16.54 12.94 -4.23
N GLU A 296 17.18 14.06 -3.94
CA GLU A 296 18.41 14.46 -4.61
C GLU A 296 19.36 13.30 -4.85
N SER A 297 19.61 12.52 -3.80
CA SER A 297 20.62 11.45 -3.85
C SER A 297 20.08 10.09 -4.30
N VAL A 298 18.89 10.05 -4.87
CA VAL A 298 18.29 8.77 -5.24
C VAL A 298 18.64 8.34 -6.68
N THR A 299 18.95 7.06 -6.84
CA THR A 299 19.06 6.46 -8.16
C THR A 299 17.79 5.66 -8.43
N TRP A 300 16.93 6.19 -9.29
CA TRP A 300 15.57 5.66 -9.46
C TRP A 300 15.47 4.33 -10.20
N GLU A 301 16.46 4.04 -11.03
CA GLU A 301 16.37 2.95 -12.00
C GLU A 301 16.48 1.53 -11.43
N ASN A 302 17.21 1.36 -10.33
CA ASN A 302 17.46 0.01 -9.82
C ASN A 302 17.28 -0.10 -8.32
N LEU A 303 16.33 0.65 -7.78
CA LEU A 303 16.04 0.66 -6.34
C LEU A 303 16.02 -0.72 -5.72
N HIS A 304 15.31 -1.63 -6.38
CA HIS A 304 15.10 -2.98 -5.90
C HIS A 304 16.40 -3.79 -5.83
N GLN A 305 17.41 -3.34 -6.57
CA GLN A 305 18.73 -3.98 -6.56
C GLN A 305 19.65 -3.35 -5.54
N GLN A 306 19.21 -2.25 -4.94
CA GLN A 306 20.04 -1.57 -3.97
C GLN A 306 19.81 -2.14 -2.58
N THR A 307 20.82 -2.01 -1.73
CA THR A 307 20.78 -2.51 -0.37
C THR A 307 20.07 -1.51 0.52
N PRO A 308 18.90 -1.89 1.07
CA PRO A 308 18.16 -0.93 1.91
C PRO A 308 18.99 -0.50 3.10
N PRO A 309 18.86 0.78 3.49
CA PRO A 309 19.54 1.29 4.68
C PRO A 309 19.03 0.57 5.92
N LYS A 310 19.93 0.27 6.86
CA LYS A 310 19.55 -0.46 8.06
C LYS A 310 18.66 0.38 8.96
N LEU A 311 17.64 -0.25 9.52
CA LEU A 311 16.74 0.41 10.46
C LEU A 311 17.18 0.17 11.91
#